data_4YTL
#
_entry.id   4YTL
#
_cell.length_a   44.253
_cell.length_b   54.243
_cell.length_c   95.153
_cell.angle_alpha   90.00
_cell.angle_beta   90.00
_cell.angle_gamma   90.00
#
_symmetry.space_group_name_H-M   'P 21 21 21'
#
loop_
_entity.id
_entity.type
_entity.pdbx_description
1 polymer 'Transcription elongation factor SPT5'
2 non-polymer 'SULFATE ION'
3 non-polymer GLYCEROL
4 water water
#
_entity_poly.entity_id   1
_entity_poly.type   'polypeptide(L)'
_entity_poly.pdbx_seq_one_letter_code
;FQPGDRIEVLNGEQRGSKGIVTRTTKDIATIKLNGFTTPLEFPISTLRKIFEPGDHVTVINGEHQGDAGLVL(MSE)VEQ
GQVTF(MSE)STQTSREVTITANNLSK
;
_entity_poly.pdbx_strand_id   A,B
#
loop_
_chem_comp.id
_chem_comp.type
_chem_comp.name
_chem_comp.formula
GOL non-polymer GLYCEROL 'C3 H8 O3'
SO4 non-polymer 'SULFATE ION' 'O4 S -2'
#
# COMPACT_ATOMS: atom_id res chain seq x y z
N PHE A 1 3.26 2.34 5.81
CA PHE A 1 1.82 2.72 5.43
C PHE A 1 1.78 3.23 4.00
N GLN A 2 0.62 3.10 3.39
CA GLN A 2 0.42 3.53 2.02
C GLN A 2 -0.76 4.48 1.98
N PRO A 3 -0.70 5.48 1.10
CA PRO A 3 -1.92 6.28 0.89
C PRO A 3 -3.12 5.42 0.69
N GLY A 4 -4.21 5.78 1.38
CA GLY A 4 -5.45 5.01 1.33
C GLY A 4 -5.62 4.10 2.51
N ASP A 5 -4.52 3.83 3.25
CA ASP A 5 -4.65 2.94 4.42
C ASP A 5 -5.52 3.59 5.52
N ARG A 6 -6.40 2.80 6.13
CA ARG A 6 -7.14 3.23 7.31
C ARG A 6 -6.34 2.91 8.55
N ILE A 7 -6.22 3.90 9.42
CA ILE A 7 -5.40 3.77 10.61
C ILE A 7 -6.09 4.36 11.82
N GLU A 8 -5.56 4.05 12.98
CA GLU A 8 -5.95 4.76 14.18
C GLU A 8 -4.73 5.36 14.85
N VAL A 9 -4.90 6.45 15.59
CA VAL A 9 -3.78 7.08 16.28
C VAL A 9 -3.67 6.50 17.69
N LEU A 10 -2.47 6.06 18.06
CA LEU A 10 -2.30 5.38 19.37
C LEU A 10 -1.94 6.27 20.51
N ASN A 11 -1.37 7.44 20.24
CA ASN A 11 -0.98 8.31 21.37
C ASN A 11 -1.00 9.77 20.99
N GLY A 12 -0.73 10.65 21.98
CA GLY A 12 -0.77 12.09 21.73
C GLY A 12 -2.17 12.66 21.78
N GLU A 13 -2.30 13.94 21.40
CA GLU A 13 -3.59 14.67 21.54
C GLU A 13 -4.68 14.03 20.70
N GLN A 14 -4.31 13.31 19.64
CA GLN A 14 -5.32 12.71 18.74
C GLN A 14 -5.54 11.25 19.02
N ARG A 15 -5.04 10.78 20.15
CA ARG A 15 -5.17 9.37 20.48
CA ARG A 15 -5.16 9.36 20.47
C ARG A 15 -6.61 8.91 20.30
N GLY A 16 -6.75 7.73 19.74
CA GLY A 16 -8.06 7.13 19.52
C GLY A 16 -8.76 7.58 18.24
N SER A 17 -8.23 8.61 17.58
CA SER A 17 -8.81 9.13 16.32
C SER A 17 -8.55 8.14 15.20
N LYS A 18 -9.45 8.09 14.23
CA LYS A 18 -9.27 7.21 13.06
C LYS A 18 -9.28 8.01 11.77
N GLY A 19 -8.55 7.53 10.76
CA GLY A 19 -8.47 8.34 9.52
C GLY A 19 -7.79 7.56 8.42
N ILE A 20 -7.42 8.24 7.37
CA ILE A 20 -6.88 7.67 6.16
C ILE A 20 -5.56 8.39 5.85
N VAL A 21 -4.62 7.51 5.44
CA VAL A 21 -3.31 8.06 5.04
C VAL A 21 -3.48 8.76 3.69
N THR A 22 -2.96 9.99 3.56
CA THR A 22 -2.99 10.67 2.29
C THR A 22 -1.60 10.74 1.68
N ARG A 23 -0.59 10.71 2.53
CA ARG A 23 0.79 10.96 2.12
C ARG A 23 1.75 10.30 3.12
N THR A 24 2.87 9.76 2.68
CA THR A 24 3.87 9.25 3.61
C THR A 24 5.33 9.42 3.14
N THR A 25 6.19 9.83 4.06
CA THR A 25 7.60 9.63 3.88
C THR A 25 7.99 8.43 4.71
N LYS A 26 9.28 8.18 4.81
CA LYS A 26 9.70 7.05 5.61
C LYS A 26 9.32 7.24 7.07
N ASP A 27 9.41 8.46 7.55
CA ASP A 27 9.24 8.72 8.97
C ASP A 27 7.93 9.46 9.35
N ILE A 28 7.25 10.07 8.39
CA ILE A 28 6.04 10.90 8.73
C ILE A 28 4.88 10.51 7.81
N ALA A 29 3.76 10.13 8.40
CA ALA A 29 2.54 9.89 7.62
C ALA A 29 1.58 11.05 7.85
N THR A 30 0.94 11.50 6.76
CA THR A 30 -0.01 12.57 6.77
C THR A 30 -1.38 11.89 6.69
N ILE A 31 -2.27 12.25 7.62
CA ILE A 31 -3.53 11.50 7.78
C ILE A 31 -4.68 12.47 7.71
N LYS A 32 -5.74 12.10 6.99
CA LYS A 32 -6.98 12.84 7.09
C LYS A 32 -7.87 12.10 8.09
N LEU A 33 -8.03 12.67 9.29
CA LEU A 33 -8.78 12.02 10.34
C LEU A 33 -10.27 12.26 10.12
N ASN A 34 -11.06 11.32 10.61
CA ASN A 34 -12.49 11.39 10.47
C ASN A 34 -12.93 12.60 11.22
N GLY A 35 -13.67 13.46 10.54
CA GLY A 35 -14.17 14.63 11.21
C GLY A 35 -13.35 15.88 11.07
N PHE A 36 -12.04 15.74 10.92
CA PHE A 36 -11.15 16.88 10.82
C PHE A 36 -11.12 17.38 9.41
N THR A 37 -10.99 18.68 9.24
CA THR A 37 -11.16 19.25 7.93
C THR A 37 -9.90 19.27 7.06
N THR A 38 -8.75 19.08 7.67
CA THR A 38 -7.53 19.02 6.92
C THR A 38 -6.63 17.97 7.51
N PRO A 39 -5.60 17.60 6.79
CA PRO A 39 -4.74 16.51 7.25
C PRO A 39 -3.75 16.94 8.31
N LEU A 40 -3.30 15.97 9.08
CA LEU A 40 -2.30 16.16 10.15
C LEU A 40 -1.16 15.20 9.95
N GLU A 41 0.01 15.55 10.48
CA GLU A 41 1.22 14.70 10.34
C GLU A 41 1.50 13.99 11.64
N PHE A 42 1.91 12.73 11.52
CA PHE A 42 2.22 11.90 12.66
C PHE A 42 3.50 11.12 12.40
N PRO A 43 4.28 10.89 13.44
CA PRO A 43 5.37 9.89 13.33
C PRO A 43 4.79 8.51 13.12
N ILE A 44 5.44 7.71 12.28
CA ILE A 44 4.88 6.40 11.90
C ILE A 44 4.59 5.53 13.11
N SER A 45 5.44 5.63 14.17
CA SER A 45 5.26 4.73 15.33
C SER A 45 4.00 4.97 16.13
N THR A 46 3.32 6.08 15.88
CA THR A 46 2.13 6.39 16.63
C THR A 46 0.84 5.90 16.00
N LEU A 47 0.96 5.14 14.91
CA LEU A 47 -0.18 4.76 14.12
C LEU A 47 -0.32 3.24 14.03
N ARG A 48 -1.55 2.81 13.81
CA ARG A 48 -1.80 1.39 13.62
C ARG A 48 -2.88 1.16 12.57
N LYS A 49 -2.65 0.22 11.68
CA LYS A 49 -3.61 -0.10 10.62
C LYS A 49 -4.92 -0.60 11.21
N ILE A 50 -6.03 -0.30 10.53
CA ILE A 50 -7.32 -0.83 10.92
C ILE A 50 -7.82 -1.77 9.84
N PHE A 51 -7.96 -3.03 10.21
CA PHE A 51 -8.56 -4.02 9.33
C PHE A 51 -9.93 -4.39 9.86
N GLU A 52 -10.70 -5.05 9.01
CA GLU A 52 -12.03 -5.52 9.38
C GLU A 52 -12.25 -6.93 8.86
N PRO A 53 -13.12 -7.61 9.51
CA PRO A 53 -13.46 -8.94 9.00
C PRO A 53 -13.96 -8.80 7.54
N GLY A 54 -13.51 -9.73 6.71
CA GLY A 54 -13.81 -9.72 5.28
C GLY A 54 -12.69 -9.17 4.44
N ASP A 55 -11.75 -8.48 5.06
CA ASP A 55 -10.54 -8.02 4.39
C ASP A 55 -9.71 -9.26 4.04
N HIS A 56 -8.83 -9.13 3.06
CA HIS A 56 -7.90 -10.19 2.71
C HIS A 56 -6.49 -9.65 2.89
N VAL A 57 -5.63 -10.39 3.57
CA VAL A 57 -4.31 -9.87 3.93
C VAL A 57 -3.15 -10.81 3.64
N THR A 58 -1.95 -10.24 3.52
CA THR A 58 -0.75 -11.03 3.54
C THR A 58 0.13 -10.54 4.69
N VAL A 59 0.96 -11.41 5.24
CA VAL A 59 1.87 -11.03 6.32
C VAL A 59 3.18 -10.52 5.74
N ILE A 60 3.52 -9.28 6.07
CA ILE A 60 4.63 -8.62 5.38
C ILE A 60 5.88 -8.62 6.22
N ASN A 61 5.83 -9.07 7.46
CA ASN A 61 6.90 -8.80 8.41
C ASN A 61 6.72 -9.80 9.56
N GLY A 62 7.86 -10.32 10.06
CA GLY A 62 7.94 -11.35 11.14
C GLY A 62 8.08 -12.83 10.77
N GLU A 63 7.80 -13.73 11.72
CA GLU A 63 7.97 -15.20 11.56
C GLU A 63 7.00 -15.85 10.56
N HIS A 64 5.86 -15.19 10.36
CA HIS A 64 4.79 -15.71 9.51
C HIS A 64 4.77 -15.02 8.15
N GLN A 65 5.87 -14.36 7.79
CA GLN A 65 5.90 -13.60 6.54
C GLN A 65 5.52 -14.47 5.35
N GLY A 66 4.62 -13.96 4.52
CA GLY A 66 4.15 -14.72 3.37
C GLY A 66 2.85 -15.48 3.57
N ASP A 67 2.48 -15.75 4.82
CA ASP A 67 1.18 -16.35 5.09
C ASP A 67 0.12 -15.30 4.74
N ALA A 68 -1.12 -15.75 4.59
CA ALA A 68 -2.12 -14.84 3.99
C ALA A 68 -3.49 -15.45 4.18
N GLY A 69 -4.52 -14.61 4.06
CA GLY A 69 -5.91 -15.15 4.03
C GLY A 69 -6.99 -14.15 4.39
N LEU A 70 -8.17 -14.70 4.64
CA LEU A 70 -9.36 -13.87 4.91
C LEU A 70 -9.39 -13.50 6.39
N VAL A 71 -9.52 -12.22 6.69
CA VAL A 71 -9.63 -11.79 8.09
C VAL A 71 -10.98 -12.16 8.67
N LEU A 72 -10.96 -12.78 9.85
CA LEU A 72 -12.17 -13.30 10.50
C LEU A 72 -12.58 -12.47 11.71
N MSE A 73 -11.59 -12.01 12.47
CA MSE A 73 -11.84 -11.07 13.56
C MSE A 73 -10.67 -10.13 13.79
O MSE A 73 -9.55 -10.38 13.36
CB MSE A 73 -12.29 -11.76 14.86
CG MSE A 73 -11.15 -12.62 15.54
SE MSE A 73 -11.61 -13.88 17.00
CE MSE A 73 -12.04 -15.44 15.89
N VAL A 74 -10.96 -9.02 14.45
CA VAL A 74 -9.98 -8.00 14.70
C VAL A 74 -10.26 -7.45 16.07
N GLU A 75 -9.27 -7.50 16.94
CA GLU A 75 -9.41 -6.96 18.28
C GLU A 75 -8.22 -6.12 18.71
N GLN A 76 -8.41 -4.82 18.70
CA GLN A 76 -7.37 -3.92 19.16
C GLN A 76 -6.02 -4.24 18.56
N GLY A 77 -5.98 -4.27 17.25
CA GLY A 77 -4.71 -4.45 16.59
C GLY A 77 -4.30 -5.90 16.39
N GLN A 78 -4.98 -6.83 17.06
CA GLN A 78 -4.75 -8.26 16.80
C GLN A 78 -5.68 -8.75 15.72
N VAL A 79 -5.12 -9.20 14.62
CA VAL A 79 -5.92 -9.57 13.47
C VAL A 79 -5.84 -11.07 13.27
N THR A 80 -7.01 -11.71 13.22
CA THR A 80 -7.01 -13.17 13.00
C THR A 80 -7.54 -13.45 11.61
N PHE A 81 -6.79 -14.23 10.84
CA PHE A 81 -7.20 -14.61 9.49
C PHE A 81 -7.14 -16.12 9.28
N MSE A 82 -7.87 -16.59 8.26
CA MSE A 82 -7.86 -17.99 7.91
C MSE A 82 -6.71 -18.21 6.93
O MSE A 82 -6.75 -17.73 5.82
CB MSE A 82 -9.20 -18.39 7.27
CG MSE A 82 -9.30 -19.85 6.87
SE MSE A 82 -9.01 -21.05 8.40
CE MSE A 82 -10.67 -20.74 9.37
N SER A 83 -5.69 -18.94 7.37
CA SER A 83 -4.49 -19.11 6.54
C SER A 83 -4.78 -19.90 5.27
N THR A 84 -4.32 -19.40 4.13
CA THR A 84 -4.43 -20.14 2.86
C THR A 84 -3.42 -21.29 2.82
N GLN A 85 -2.42 -21.29 3.72
CA GLN A 85 -1.38 -22.35 3.69
C GLN A 85 -1.76 -23.55 4.59
N THR A 86 -2.44 -23.27 5.70
CA THR A 86 -2.76 -24.35 6.66
C THR A 86 -4.26 -24.55 6.89
N SER A 87 -5.12 -23.61 6.44
CA SER A 87 -6.58 -23.70 6.76
C SER A 87 -6.77 -23.72 8.28
N ARG A 88 -5.97 -22.95 8.98
CA ARG A 88 -6.16 -22.72 10.43
C ARG A 88 -6.04 -21.21 10.66
N GLU A 89 -6.63 -20.77 11.76
CA GLU A 89 -6.57 -19.37 12.15
C GLU A 89 -5.18 -19.00 12.62
N VAL A 90 -4.74 -17.84 12.18
CA VAL A 90 -3.46 -17.28 12.57
C VAL A 90 -3.74 -15.82 13.01
N THR A 91 -3.13 -15.38 14.13
CA THR A 91 -3.31 -13.99 14.62
C THR A 91 -2.00 -13.24 14.60
N ILE A 92 -2.04 -12.05 14.02
CA ILE A 92 -0.83 -11.24 13.72
C ILE A 92 -1.20 -9.78 14.04
N THR A 93 -0.24 -9.04 14.57
CA THR A 93 -0.45 -7.62 14.85
C THR A 93 -0.69 -6.86 13.55
N ALA A 94 -1.61 -5.87 13.60
CA ALA A 94 -2.06 -5.24 12.34
C ALA A 94 -0.95 -4.63 11.46
N ASN A 95 0.05 -4.00 12.07
CA ASN A 95 1.06 -3.34 11.25
C ASN A 95 1.94 -4.29 10.49
N ASN A 96 1.85 -5.63 10.79
CA ASN A 96 2.63 -6.65 10.01
C ASN A 96 1.75 -7.24 8.88
N LEU A 97 0.71 -6.62 8.58
CA LEU A 97 -0.17 -7.13 7.51
C LEU A 97 -0.41 -6.04 6.46
N SER A 98 -0.74 -6.49 5.26
CA SER A 98 -1.13 -5.61 4.19
C SER A 98 -2.30 -6.19 3.41
N LYS A 99 -3.24 -5.33 3.05
CA LYS A 99 -4.32 -5.71 2.15
C LYS A 99 -3.74 -5.82 0.76
N PHE B 1 2.36 -2.10 -17.34
CA PHE B 1 2.74 -3.11 -16.24
C PHE B 1 3.52 -4.26 -16.82
N GLN B 2 4.32 -4.90 -15.97
CA GLN B 2 5.06 -6.12 -16.30
C GLN B 2 4.73 -7.18 -15.26
N PRO B 3 4.80 -8.46 -15.64
CA PRO B 3 4.70 -9.50 -14.64
C PRO B 3 5.71 -9.31 -13.49
N GLY B 4 5.20 -9.44 -12.25
CA GLY B 4 6.03 -9.21 -11.07
C GLY B 4 5.80 -7.84 -10.44
N ASP B 5 5.13 -6.95 -11.16
CA ASP B 5 4.81 -5.61 -10.63
C ASP B 5 3.88 -5.68 -9.43
N ARG B 6 4.14 -4.82 -8.44
CA ARG B 6 3.20 -4.68 -7.32
C ARG B 6 2.22 -3.57 -7.64
N ILE B 7 0.92 -3.87 -7.47
CA ILE B 7 -0.13 -2.92 -7.83
C ILE B 7 -1.21 -2.79 -6.76
N GLU B 8 -2.02 -1.76 -6.86
CA GLU B 8 -3.26 -1.59 -6.08
C GLU B 8 -4.43 -1.49 -7.03
N VAL B 9 -5.58 -1.96 -6.56
CA VAL B 9 -6.82 -1.90 -7.33
C VAL B 9 -7.54 -0.61 -6.98
N LEU B 10 -7.89 0.17 -7.99
CA LEU B 10 -8.42 1.49 -7.80
C LEU B 10 -9.96 1.57 -7.76
N ASN B 11 -10.58 0.62 -8.44
CA ASN B 11 -12.00 0.60 -8.79
C ASN B 11 -12.52 -0.77 -8.62
N GLY B 12 -13.82 -0.88 -8.49
CA GLY B 12 -14.46 -2.16 -8.58
C GLY B 12 -14.62 -2.85 -7.26
N GLU B 13 -15.04 -4.09 -7.32
CA GLU B 13 -15.36 -4.85 -6.14
C GLU B 13 -14.17 -5.08 -5.21
N GLN B 14 -12.99 -5.15 -5.81
CA GLN B 14 -11.76 -5.36 -4.97
C GLN B 14 -10.97 -4.03 -4.76
N ARG B 15 -11.60 -2.87 -4.96
CA ARG B 15 -10.96 -1.63 -4.73
C ARG B 15 -10.24 -1.62 -3.34
N GLY B 16 -9.01 -1.13 -3.35
CA GLY B 16 -8.17 -1.04 -2.14
C GLY B 16 -7.32 -2.29 -1.89
N SER B 17 -7.61 -3.39 -2.59
CA SER B 17 -6.72 -4.55 -2.47
C SER B 17 -5.39 -4.28 -3.18
N LYS B 18 -4.36 -4.96 -2.71
CA LYS B 18 -3.04 -4.87 -3.38
C LYS B 18 -2.64 -6.26 -3.84
N GLY B 19 -1.72 -6.35 -4.77
CA GLY B 19 -1.25 -7.71 -5.20
C GLY B 19 -0.19 -7.57 -6.25
N ILE B 20 0.00 -8.62 -7.01
CA ILE B 20 1.08 -8.65 -8.03
C ILE B 20 0.49 -9.01 -9.39
N VAL B 21 1.12 -8.47 -10.43
CA VAL B 21 0.77 -8.82 -11.80
C VAL B 21 1.46 -10.14 -12.15
N THR B 22 0.71 -11.09 -12.67
CA THR B 22 1.29 -12.36 -13.05
C THR B 22 1.35 -12.51 -14.57
N ARG B 23 0.50 -11.78 -15.28
CA ARG B 23 0.41 -11.86 -16.73
C ARG B 23 -0.23 -10.57 -17.23
N THR B 24 0.23 -10.07 -18.38
CA THR B 24 -0.38 -8.91 -19.00
C THR B 24 -0.60 -9.08 -20.49
N THR B 25 -1.52 -8.42 -21.05
CA THR B 25 -1.75 -8.11 -22.46
C THR B 25 -2.04 -6.62 -22.58
N LYS B 26 -2.57 -6.23 -23.74
CA LYS B 26 -2.86 -4.82 -24.04
C LYS B 26 -3.74 -4.12 -23.00
N ASP B 27 -4.91 -4.68 -22.73
CA ASP B 27 -5.84 -4.01 -21.84
C ASP B 27 -6.13 -4.79 -20.56
N ILE B 28 -5.55 -5.97 -20.41
CA ILE B 28 -5.93 -6.81 -19.26
C ILE B 28 -4.70 -7.33 -18.52
N ALA B 29 -4.79 -7.43 -17.19
CA ALA B 29 -3.71 -8.08 -16.41
C ALA B 29 -4.32 -9.16 -15.57
N THR B 30 -3.61 -10.29 -15.42
CA THR B 30 -3.95 -11.26 -14.39
C THR B 30 -3.27 -10.82 -13.11
N ILE B 31 -4.02 -10.79 -12.01
CA ILE B 31 -3.51 -10.27 -10.73
C ILE B 31 -3.72 -11.33 -9.66
N LYS B 32 -2.71 -11.57 -8.84
CA LYS B 32 -2.89 -12.37 -7.61
C LYS B 32 -3.00 -11.34 -6.47
N LEU B 33 -4.19 -11.23 -5.90
CA LEU B 33 -4.40 -10.26 -4.80
C LEU B 33 -3.99 -10.84 -3.49
N ASN B 34 -3.42 -9.99 -2.61
CA ASN B 34 -2.96 -10.47 -1.29
C ASN B 34 -4.12 -11.17 -0.55
N GLY B 35 -3.82 -12.36 -0.03
CA GLY B 35 -4.83 -13.16 0.70
C GLY B 35 -5.81 -13.93 -0.16
N PHE B 36 -5.75 -13.80 -1.49
CA PHE B 36 -6.59 -14.55 -2.39
C PHE B 36 -5.76 -15.70 -2.93
N THR B 37 -6.45 -16.77 -3.26
CA THR B 37 -5.72 -17.92 -3.93
C THR B 37 -6.12 -18.05 -5.41
N THR B 38 -7.19 -17.40 -5.84
CA THR B 38 -7.63 -17.47 -7.24
C THR B 38 -7.11 -16.25 -8.01
N PRO B 39 -6.52 -16.47 -9.17
CA PRO B 39 -6.07 -15.36 -10.04
C PRO B 39 -7.30 -14.67 -10.61
N LEU B 40 -7.19 -13.35 -10.79
CA LEU B 40 -8.36 -12.61 -11.31
C LEU B 40 -7.88 -11.76 -12.50
N GLU B 41 -8.75 -11.61 -13.51
CA GLU B 41 -8.48 -10.74 -14.63
C GLU B 41 -8.98 -9.30 -14.32
N PHE B 42 -8.11 -8.32 -14.51
CA PHE B 42 -8.51 -6.93 -14.32
C PHE B 42 -8.22 -6.10 -15.55
N PRO B 43 -9.12 -5.16 -15.87
CA PRO B 43 -8.74 -4.16 -16.85
C PRO B 43 -7.54 -3.37 -16.32
N ILE B 44 -6.53 -3.14 -17.15
CA ILE B 44 -5.36 -2.43 -16.68
C ILE B 44 -5.64 -0.97 -16.30
N SER B 45 -6.78 -0.41 -16.74
CA SER B 45 -7.22 0.97 -16.38
C SER B 45 -7.60 1.05 -14.89
N THR B 46 -7.81 -0.09 -14.24
CA THR B 46 -8.25 -0.12 -12.86
C THR B 46 -7.11 -0.34 -11.87
N LEU B 47 -5.87 -0.35 -12.37
CA LEU B 47 -4.72 -0.70 -11.55
C LEU B 47 -3.69 0.44 -11.47
N ARG B 48 -2.93 0.43 -10.36
CA ARG B 48 -1.86 1.45 -10.26
C ARG B 48 -0.68 0.84 -9.56
N LYS B 49 0.51 1.15 -10.06
CA LYS B 49 1.76 0.65 -9.42
C LYS B 49 1.91 1.23 -8.01
N ILE B 50 2.53 0.44 -7.14
CA ILE B 50 2.84 0.81 -5.78
C ILE B 50 4.33 0.96 -5.58
N PHE B 51 4.71 2.03 -4.91
CA PHE B 51 6.10 2.25 -4.53
C PHE B 51 6.20 2.65 -3.07
N GLU B 52 7.40 2.57 -2.53
CA GLU B 52 7.65 2.91 -1.15
C GLU B 52 8.88 3.79 -1.04
N PRO B 53 8.93 4.65 -0.04
CA PRO B 53 10.17 5.35 0.28
C PRO B 53 11.37 4.41 0.28
N GLY B 54 12.44 4.79 -0.41
CA GLY B 54 13.67 4.01 -0.44
C GLY B 54 13.78 3.24 -1.75
N ASP B 55 12.67 3.10 -2.49
CA ASP B 55 12.78 2.32 -3.75
C ASP B 55 13.67 2.99 -4.79
N HIS B 56 14.42 2.20 -5.53
CA HIS B 56 15.25 2.71 -6.62
C HIS B 56 14.41 2.67 -7.91
N VAL B 57 14.18 3.82 -8.51
CA VAL B 57 13.23 3.89 -9.65
C VAL B 57 13.80 4.67 -10.83
N THR B 58 13.16 4.48 -11.96
CA THR B 58 13.45 5.26 -13.16
C THR B 58 12.12 5.65 -13.83
N VAL B 59 12.14 6.78 -14.54
CA VAL B 59 10.94 7.24 -15.24
C VAL B 59 10.92 6.62 -16.62
N ILE B 60 9.84 5.88 -16.90
CA ILE B 60 9.77 5.08 -18.12
C ILE B 60 8.82 5.62 -19.18
N ASN B 61 8.20 6.77 -18.89
CA ASN B 61 7.19 7.36 -19.78
C ASN B 61 6.96 8.77 -19.32
N GLY B 62 6.58 9.64 -20.27
CA GLY B 62 6.23 11.02 -19.93
C GLY B 62 7.40 11.99 -20.09
N GLU B 63 7.16 13.26 -19.76
CA GLU B 63 8.16 14.34 -20.00
C GLU B 63 9.51 14.16 -19.27
N HIS B 64 9.53 13.41 -18.18
CA HIS B 64 10.79 13.22 -17.39
C HIS B 64 11.46 11.87 -17.68
N GLN B 65 11.06 11.24 -18.77
CA GLN B 65 11.60 9.90 -19.12
C GLN B 65 13.14 9.88 -19.08
N GLY B 66 13.67 8.84 -18.42
CA GLY B 66 15.13 8.62 -18.32
C GLY B 66 15.72 9.15 -17.03
N ASP B 67 14.97 9.97 -16.25
CA ASP B 67 15.43 10.35 -14.92
C ASP B 67 15.39 9.12 -14.01
N ALA B 68 16.13 9.16 -12.91
CA ALA B 68 16.19 8.00 -12.03
C ALA B 68 16.56 8.51 -10.64
N GLY B 69 16.21 7.72 -9.62
CA GLY B 69 16.66 8.09 -8.29
C GLY B 69 15.89 7.31 -7.23
N LEU B 70 15.72 7.91 -6.05
CA LEU B 70 15.35 7.20 -4.79
C LEU B 70 14.02 7.78 -4.30
N VAL B 71 13.01 6.93 -4.11
CA VAL B 71 11.68 7.46 -3.70
C VAL B 71 11.79 8.07 -2.30
N LEU B 72 11.22 9.27 -2.15
CA LEU B 72 11.21 9.94 -0.86
C LEU B 72 9.83 9.92 -0.22
N MSE B 73 8.82 10.04 -1.07
CA MSE B 73 7.50 10.27 -0.57
C MSE B 73 6.45 9.75 -1.54
O MSE B 73 6.61 9.86 -2.76
CB MSE B 73 7.31 11.77 -0.31
CG MSE B 73 5.89 12.17 -0.08
SE MSE B 73 5.67 14.06 0.28
CE MSE B 73 6.55 14.87 -1.25
N VAL B 74 5.38 9.18 -1.00
CA VAL B 74 4.27 8.76 -1.82
C VAL B 74 2.98 9.43 -1.39
N GLU B 75 2.22 9.85 -2.38
CA GLU B 75 0.90 10.41 -2.20
C GLU B 75 -0.06 9.64 -3.10
N GLN B 76 -1.34 9.91 -2.94
CA GLN B 76 -2.33 9.27 -3.77
C GLN B 76 -1.93 9.28 -5.25
N GLY B 77 -1.23 8.23 -5.68
CA GLY B 77 -0.88 8.07 -7.08
C GLY B 77 0.27 8.89 -7.63
N GLN B 78 0.89 9.69 -6.78
CA GLN B 78 2.00 10.55 -7.19
C GLN B 78 3.20 10.18 -6.36
N VAL B 79 4.35 9.95 -7.01
CA VAL B 79 5.55 9.52 -6.29
C VAL B 79 6.63 10.57 -6.43
N THR B 80 7.22 10.99 -5.29
CA THR B 80 8.35 11.98 -5.34
C THR B 80 9.63 11.26 -5.07
N PHE B 81 10.60 11.37 -5.96
CA PHE B 81 11.90 10.75 -5.72
C PHE B 81 12.98 11.80 -5.78
N MSE B 82 14.13 11.48 -5.17
CA MSE B 82 15.30 12.34 -5.31
C MSE B 82 16.07 11.86 -6.52
O MSE B 82 16.48 10.70 -6.59
CB MSE B 82 16.16 12.28 -4.06
CG MSE B 82 17.46 13.02 -4.19
SE MSE B 82 17.15 14.93 -4.15
CE MSE B 82 16.86 15.09 -2.21
N SER B 83 16.25 12.73 -7.50
CA SER B 83 16.96 12.36 -8.70
C SER B 83 18.44 12.22 -8.41
N THR B 84 19.02 11.08 -8.79
CA THR B 84 20.49 10.95 -8.66
C THR B 84 21.24 11.59 -9.83
N GLN B 85 20.47 12.10 -10.82
CA GLN B 85 21.07 12.78 -11.96
C GLN B 85 21.25 14.27 -11.66
N THR B 86 20.29 14.88 -10.96
CA THR B 86 20.36 16.34 -10.73
C THR B 86 20.25 16.73 -9.29
N SER B 87 19.98 15.77 -8.39
CA SER B 87 19.78 16.05 -6.93
C SER B 87 18.61 17.02 -6.72
N ARG B 88 17.62 16.95 -7.59
CA ARG B 88 16.32 17.61 -7.46
CA ARG B 88 16.32 17.61 -7.48
C ARG B 88 15.28 16.63 -6.97
N GLU B 89 14.22 17.06 -6.28
CA GLU B 89 13.03 16.25 -6.09
C GLU B 89 12.19 16.32 -7.37
N VAL B 90 11.68 15.17 -7.78
CA VAL B 90 10.84 15.11 -8.99
C VAL B 90 9.61 14.31 -8.63
N THR B 91 8.44 14.80 -9.03
CA THR B 91 7.17 14.10 -8.70
C THR B 91 6.51 13.61 -10.00
N ILE B 92 6.21 12.32 -10.05
CA ILE B 92 5.73 11.63 -11.27
C ILE B 92 4.51 10.76 -10.90
N THR B 93 3.57 10.65 -11.83
CA THR B 93 2.48 9.70 -11.58
C THR B 93 3.02 8.26 -11.51
N ALA B 94 2.47 7.46 -10.60
CA ALA B 94 3.07 6.15 -10.24
C ALA B 94 3.26 5.24 -11.44
N ASN B 95 2.28 5.24 -12.37
CA ASN B 95 2.39 4.28 -13.48
C ASN B 95 3.55 4.62 -14.46
N ASN B 96 4.11 5.84 -14.37
CA ASN B 96 5.21 6.24 -15.25
C ASN B 96 6.58 5.92 -14.66
N LEU B 97 6.59 5.21 -13.54
CA LEU B 97 7.84 4.79 -12.89
C LEU B 97 8.01 3.27 -12.95
N SER B 98 9.27 2.83 -12.85
CA SER B 98 9.52 1.38 -12.64
C SER B 98 10.77 1.21 -11.80
N LYS B 99 10.81 0.12 -11.05
CA LYS B 99 12.11 -0.33 -10.54
C LYS B 99 12.89 -1.06 -11.67
S SO4 C . 0.29 9.29 25.21
O1 SO4 C . 0.54 9.82 26.54
O2 SO4 C . 1.58 9.10 24.54
O3 SO4 C . -0.53 10.20 24.43
O4 SO4 C . -0.44 8.04 25.33
S SO4 D . 5.78 -0.88 -18.22
O1 SO4 D . 7.06 -1.47 -18.67
O2 SO4 D . 5.48 -0.91 -16.75
O3 SO4 D . 4.75 -1.65 -18.93
O4 SO4 D . 5.54 0.50 -18.72
S SO4 E . 1.87 -17.01 -19.53
O1 SO4 E . 2.30 -16.01 -18.56
O2 SO4 E . 2.95 -17.45 -20.44
O3 SO4 E . 1.35 -18.16 -18.79
O4 SO4 E . 0.76 -16.45 -20.31
S SO4 F . 4.14 12.63 -15.38
O1 SO4 F . 4.62 11.44 -16.05
O2 SO4 F . 5.18 13.65 -15.53
O3 SO4 F . 3.86 12.41 -13.98
O4 SO4 F . 2.92 13.10 -16.01
C1 GOL G . 8.19 -2.09 -9.60
O1 GOL G . 8.38 -1.34 -10.78
C2 GOL G . 6.74 -2.55 -9.49
O2 GOL G . 6.65 -3.39 -8.32
C3 GOL G . 5.80 -1.34 -9.39
O3 GOL G . 4.60 -1.89 -9.88
C1 GOL H . -16.76 1.16 -7.51
O1 GOL H . -17.51 0.06 -7.99
C2 GOL H . -16.37 2.03 -8.69
O2 GOL H . -15.40 2.97 -8.31
C3 GOL H . -15.77 1.13 -9.77
O3 GOL H . -15.93 1.75 -11.03
#